data_1GYC
#
_entry.id   1GYC
#
_cell.length_a   83.681
_cell.length_b   84.977
_cell.length_c   91.810
_cell.angle_alpha   90.00
_cell.angle_beta   90.00
_cell.angle_gamma   90.00
#
_symmetry.space_group_name_H-M   'P 21 21 21'
#
loop_
_entity.id
_entity.type
_entity.pdbx_description
1 polymer 'LACCASE 2'
2 branched 2-acetamido-2-deoxy-beta-D-glucopyranose-(1-4)-2-acetamido-2-deoxy-beta-D-glucopyranose
3 non-polymer 'COPPER (II) ION'
4 non-polymer 2-acetamido-2-deoxy-beta-D-glucopyranose
5 non-polymer 'ISOPROPYL ALCOHOL'
6 water water
#
_entity_poly.entity_id   1
_entity_poly.type   'polypeptide(L)'
_entity_poly.pdbx_seq_one_letter_code
;AIGPAASLVVANAPVSPDGFLRDAIVVNGVFPSPLITGKKGDRFQLNVVDTLTNHTMLKSTSIHWHGFFQAGTNWADGPA
FVNQCPIASGHSFLYDFHVPDQAGTFWYHSHLSTQYCDGLRGPFVVYDPKDPHASRYDVDNESTVITLTDWYHTAARLGP
RFPLGADATLINGLGRSASTPTAALAVINVQHGKRYRFRLVSISCDPNYTFSIDGHNLTVIEVDGINSQPLLVDSIQIFA
AQRYSFVLNANQTVGNYWIRANPNFGTVGFAGGINSAILRYQGAPVAEPTTTQTTSVIPLIETNLHPLARMPVPGSPTPG
GVDKALNLAFNFNGTNFFINNASFTPPTVPVLLQILSGAQTAQDLLPAGSVYPLPAHSTIEITLPATALAPGAPHPFHLH
GHAFAVVRSAGSTTYNYNDPIFRDVVSTGTPAAGDNVTIRFQTDNPGPWFLHCHIDFHLEAGFAIVFAEDVADVKAANPV
PKAWSDLCPIYDGLSEANQ
;
_entity_poly.pdbx_strand_id   A
#
# COMPACT_ATOMS: atom_id res chain seq x y z
N ALA A 1 -10.55 3.04 -17.07
CA ALA A 1 -10.97 2.82 -15.65
C ALA A 1 -12.22 1.96 -15.60
N ILE A 2 -12.45 1.27 -14.49
CA ILE A 2 -13.62 0.41 -14.31
C ILE A 2 -14.15 0.71 -12.89
N GLY A 3 -15.35 0.29 -12.57
CA GLY A 3 -15.88 0.52 -11.22
C GLY A 3 -16.95 1.59 -11.25
N PRO A 4 -17.71 1.71 -10.18
CA PRO A 4 -17.52 0.91 -8.96
C PRO A 4 -18.03 -0.48 -8.99
N ALA A 5 -18.78 -0.88 -10.01
CA ALA A 5 -19.22 -2.26 -10.15
C ALA A 5 -18.40 -2.82 -11.32
N ALA A 6 -17.66 -3.89 -11.12
CA ALA A 6 -16.86 -4.41 -12.24
C ALA A 6 -16.43 -5.83 -11.95
N SER A 7 -16.02 -6.53 -12.99
CA SER A 7 -15.47 -7.88 -12.84
C SER A 7 -13.96 -7.78 -13.07
N LEU A 8 -13.18 -8.50 -12.30
CA LEU A 8 -11.72 -8.50 -12.45
C LEU A 8 -11.32 -9.95 -12.73
N VAL A 9 -10.97 -10.24 -13.98
CA VAL A 9 -10.59 -11.61 -14.36
C VAL A 9 -9.08 -11.75 -14.17
N VAL A 10 -8.69 -12.57 -13.20
CA VAL A 10 -7.26 -12.76 -12.88
C VAL A 10 -6.76 -13.96 -13.67
N ALA A 11 -5.61 -13.80 -14.31
CA ALA A 11 -5.11 -14.93 -15.15
C ALA A 11 -3.61 -14.80 -15.29
N ASN A 12 -2.94 -15.77 -15.86
CA ASN A 12 -1.51 -15.71 -16.10
C ASN A 12 -1.28 -15.36 -17.59
N ALA A 13 -0.25 -14.60 -17.86
CA ALA A 13 0.08 -14.26 -19.26
C ALA A 13 1.53 -13.80 -19.24
N PRO A 14 2.19 -13.91 -20.38
CA PRO A 14 3.57 -13.43 -20.52
C PRO A 14 3.47 -11.93 -20.71
N VAL A 15 4.28 -11.12 -20.06
CA VAL A 15 4.28 -9.68 -20.19
C VAL A 15 5.73 -9.22 -20.38
N SER A 16 5.97 -8.05 -20.89
CA SER A 16 7.33 -7.53 -21.03
C SER A 16 7.28 -6.01 -20.87
N PRO A 17 6.99 -5.55 -19.66
CA PRO A 17 6.89 -4.14 -19.37
C PRO A 17 8.21 -3.42 -19.51
N ASP A 18 9.34 -4.11 -19.32
CA ASP A 18 10.66 -3.54 -19.49
C ASP A 18 11.37 -4.20 -20.69
N GLY A 19 10.61 -4.75 -21.61
CA GLY A 19 11.16 -5.40 -22.80
C GLY A 19 11.63 -6.84 -22.57
N PHE A 20 11.61 -7.34 -21.34
CA PHE A 20 12.04 -8.71 -21.05
C PHE A 20 10.79 -9.55 -20.87
N LEU A 21 10.61 -10.64 -21.63
CA LEU A 21 9.38 -11.42 -21.48
C LEU A 21 9.39 -12.39 -20.34
N ARG A 22 8.33 -12.36 -19.49
CA ARG A 22 8.25 -13.32 -18.39
C ARG A 22 6.75 -13.60 -18.11
N ASP A 23 6.47 -14.77 -17.58
CA ASP A 23 5.09 -15.11 -17.22
C ASP A 23 4.76 -14.33 -15.94
N ALA A 24 3.53 -13.85 -15.85
CA ALA A 24 3.14 -13.08 -14.68
C ALA A 24 1.64 -13.20 -14.46
N ILE A 25 1.13 -12.31 -13.61
CA ILE A 25 -0.32 -12.33 -13.32
C ILE A 25 -0.87 -11.02 -13.88
N VAL A 26 -1.94 -11.15 -14.64
CA VAL A 26 -2.58 -9.97 -15.23
C VAL A 26 -4.01 -9.96 -14.74
N VAL A 27 -4.68 -8.82 -14.82
CA VAL A 27 -6.05 -8.63 -14.41
C VAL A 27 -6.75 -7.98 -15.61
N ASN A 28 -7.77 -8.60 -16.16
CA ASN A 28 -8.43 -8.03 -17.36
C ASN A 28 -7.40 -7.86 -18.46
N GLY A 29 -6.49 -8.83 -18.54
CA GLY A 29 -5.43 -8.88 -19.52
C GLY A 29 -4.29 -7.93 -19.40
N VAL A 30 -4.18 -7.05 -18.38
CA VAL A 30 -3.10 -6.10 -18.31
C VAL A 30 -2.29 -6.14 -17.01
N PHE A 31 -1.14 -5.47 -17.04
CA PHE A 31 -0.28 -5.28 -15.87
C PHE A 31 0.36 -3.91 -16.00
N PRO A 32 0.38 -3.06 -14.99
CA PRO A 32 -0.21 -3.29 -13.69
C PRO A 32 -1.72 -3.46 -13.79
N SER A 33 -2.38 -3.83 -12.69
CA SER A 33 -3.83 -4.03 -12.75
C SER A 33 -4.54 -2.73 -13.06
N PRO A 34 -5.72 -2.86 -13.68
CA PRO A 34 -6.47 -1.69 -14.09
C PRO A 34 -6.89 -0.77 -12.95
N LEU A 35 -6.93 0.51 -13.29
CA LEU A 35 -7.42 1.51 -12.37
C LEU A 35 -8.92 1.31 -12.15
N ILE A 36 -9.26 1.26 -10.86
CA ILE A 36 -10.65 1.13 -10.41
C ILE A 36 -11.00 2.53 -9.85
N THR A 37 -12.20 3.04 -10.14
CA THR A 37 -12.57 4.34 -9.60
C THR A 37 -14.01 4.30 -9.11
N GLY A 38 -14.37 5.27 -8.27
CA GLY A 38 -15.71 5.44 -7.75
C GLY A 38 -15.74 6.83 -7.10
N LYS A 39 -16.84 7.16 -6.46
N LYS A 39 -16.85 7.13 -6.46
CA LYS A 39 -16.96 8.44 -5.77
CA LYS A 39 -17.09 8.38 -5.78
C LYS A 39 -17.26 8.14 -4.29
C LYS A 39 -17.34 8.17 -4.29
N LYS A 40 -16.86 9.08 -3.45
CA LYS A 40 -17.12 8.97 -2.02
C LYS A 40 -18.60 8.61 -1.82
N GLY A 41 -18.92 7.61 -1.03
CA GLY A 41 -20.27 7.19 -0.82
C GLY A 41 -20.74 6.03 -1.64
N ASP A 42 -20.00 5.68 -2.71
CA ASP A 42 -20.43 4.57 -3.55
C ASP A 42 -20.33 3.20 -2.89
N ARG A 43 -21.13 2.29 -3.46
CA ARG A 43 -21.08 0.90 -3.05
C ARG A 43 -20.16 0.23 -4.08
N PHE A 44 -19.13 -0.49 -3.67
CA PHE A 44 -18.25 -1.13 -4.63
C PHE A 44 -18.57 -2.61 -4.71
N GLN A 45 -18.79 -3.13 -5.92
CA GLN A 45 -19.12 -4.52 -6.14
C GLN A 45 -18.11 -5.07 -7.14
N LEU A 46 -17.04 -5.59 -6.58
CA LEU A 46 -15.93 -6.06 -7.42
C LEU A 46 -15.92 -7.56 -7.44
N ASN A 47 -16.32 -8.11 -8.59
CA ASN A 47 -16.36 -9.55 -8.75
C ASN A 47 -15.01 -10.07 -9.23
N VAL A 48 -14.34 -10.84 -8.38
CA VAL A 48 -13.03 -11.38 -8.69
C VAL A 48 -13.16 -12.78 -9.25
N VAL A 49 -12.80 -12.96 -10.51
CA VAL A 49 -12.89 -14.24 -11.20
C VAL A 49 -11.52 -14.83 -11.32
N ASP A 50 -11.27 -15.98 -10.66
CA ASP A 50 -9.91 -16.53 -10.66
C ASP A 50 -9.76 -17.59 -11.74
N THR A 51 -9.00 -17.27 -12.81
CA THR A 51 -8.77 -18.18 -13.91
C THR A 51 -7.29 -18.54 -14.00
N LEU A 52 -6.57 -18.36 -12.89
CA LEU A 52 -5.14 -18.64 -12.79
C LEU A 52 -4.87 -20.12 -13.01
N THR A 53 -3.78 -20.41 -13.73
CA THR A 53 -3.43 -21.77 -14.08
C THR A 53 -2.03 -22.17 -13.69
N ASN A 54 -1.22 -21.23 -13.20
CA ASN A 54 0.17 -21.53 -12.88
C ASN A 54 0.40 -21.61 -11.38
N HIS A 55 0.63 -22.84 -10.88
CA HIS A 55 0.85 -23.05 -9.46
C HIS A 55 2.08 -22.36 -8.92
N THR A 56 3.11 -22.13 -9.73
CA THR A 56 4.34 -21.49 -9.27
C THR A 56 4.10 -20.04 -8.85
N MET A 57 3.03 -19.40 -9.32
CA MET A 57 2.75 -18.03 -8.86
C MET A 57 1.45 -18.09 -8.05
N LEU A 58 1.01 -19.29 -7.70
CA LEU A 58 -0.17 -19.66 -6.98
C LEU A 58 -1.45 -19.54 -7.80
N LYS A 59 -2.28 -20.62 -7.83
CA LYS A 59 -3.53 -20.54 -8.57
C LYS A 59 -4.66 -19.89 -7.78
N SER A 60 -4.51 -19.83 -6.44
CA SER A 60 -5.53 -19.22 -5.59
C SER A 60 -5.20 -17.72 -5.49
N THR A 61 -6.10 -16.92 -4.95
CA THR A 61 -5.78 -15.50 -4.79
C THR A 61 -6.74 -14.90 -3.78
N SER A 62 -6.41 -13.70 -3.33
N SER A 62 -6.44 -13.69 -3.30
CA SER A 62 -7.26 -12.96 -2.42
CA SER A 62 -7.28 -12.96 -2.36
C SER A 62 -6.86 -11.49 -2.69
C SER A 62 -6.86 -11.48 -2.45
N ILE A 63 -7.82 -10.58 -2.62
CA ILE A 63 -7.45 -9.19 -2.89
C ILE A 63 -7.79 -8.29 -1.70
N HIS A 64 -6.83 -7.40 -1.39
CA HIS A 64 -7.01 -6.41 -0.34
C HIS A 64 -7.16 -5.03 -1.01
N TRP A 65 -8.06 -4.22 -0.56
CA TRP A 65 -8.33 -2.85 -1.11
C TRP A 65 -7.64 -1.97 -0.09
N HIS A 66 -6.40 -1.60 -0.41
CA HIS A 66 -5.55 -0.93 0.53
C HIS A 66 -5.99 0.46 0.94
N GLY A 67 -6.20 0.62 2.25
CA GLY A 67 -6.57 1.89 2.83
C GLY A 67 -8.02 2.04 3.22
N PHE A 68 -8.87 1.14 2.74
CA PHE A 68 -10.30 1.28 3.09
C PHE A 68 -10.55 0.73 4.48
N PHE A 69 -11.37 1.41 5.27
CA PHE A 69 -11.61 0.93 6.64
C PHE A 69 -12.42 -0.33 6.71
N GLN A 70 -13.28 -0.65 5.74
CA GLN A 70 -14.09 -1.86 5.76
C GLN A 70 -14.95 -2.03 7.01
N ALA A 71 -15.49 -0.95 7.56
CA ALA A 71 -16.30 -1.05 8.80
C ALA A 71 -17.57 -1.82 8.50
N GLY A 72 -17.77 -2.95 9.18
CA GLY A 72 -18.98 -3.75 8.89
C GLY A 72 -18.77 -4.77 7.81
N THR A 73 -17.62 -4.70 7.09
CA THR A 73 -17.31 -5.65 6.02
C THR A 73 -15.89 -6.16 6.20
N ASN A 74 -15.53 -6.58 7.43
CA ASN A 74 -14.19 -7.08 7.72
C ASN A 74 -13.86 -8.32 6.90
N TRP A 75 -14.88 -9.11 6.52
CA TRP A 75 -14.75 -10.28 5.70
C TRP A 75 -14.26 -9.96 4.29
N ALA A 76 -14.36 -8.72 3.83
CA ALA A 76 -13.90 -8.35 2.48
C ALA A 76 -12.54 -7.68 2.48
N ASP A 77 -11.85 -7.64 3.61
CA ASP A 77 -10.56 -6.91 3.65
C ASP A 77 -9.49 -7.56 2.80
N GLY A 78 -9.44 -8.87 2.64
CA GLY A 78 -8.46 -9.54 1.83
C GLY A 78 -7.37 -10.42 2.34
N PRO A 79 -6.70 -10.16 3.47
CA PRO A 79 -5.59 -11.01 3.95
C PRO A 79 -5.98 -12.46 4.07
N ALA A 80 -5.28 -13.31 3.34
CA ALA A 80 -5.51 -14.73 3.34
C ALA A 80 -5.21 -15.28 4.73
N PHE A 81 -6.17 -16.04 5.27
CA PHE A 81 -6.01 -16.68 6.58
C PHE A 81 -6.13 -15.74 7.76
N VAL A 82 -6.55 -14.49 7.50
CA VAL A 82 -6.86 -13.56 8.56
C VAL A 82 -8.36 -13.23 8.36
N ASN A 83 -8.68 -12.72 7.15
CA ASN A 83 -10.08 -12.31 6.87
C ASN A 83 -10.82 -13.26 5.94
N GLN A 84 -10.12 -14.15 5.24
CA GLN A 84 -10.86 -15.11 4.39
C GLN A 84 -9.92 -16.24 4.01
N CYS A 85 -10.48 -17.36 3.51
CA CYS A 85 -9.61 -18.36 2.91
C CYS A 85 -9.47 -17.81 1.46
N PRO A 86 -8.41 -18.13 0.77
CA PRO A 86 -8.22 -17.70 -0.60
C PRO A 86 -9.31 -18.22 -1.55
N ILE A 87 -9.52 -17.47 -2.61
CA ILE A 87 -10.45 -17.82 -3.70
C ILE A 87 -9.68 -18.89 -4.50
N ALA A 88 -10.40 -19.90 -4.99
CA ALA A 88 -9.73 -20.97 -5.74
C ALA A 88 -9.90 -20.76 -7.25
N SER A 89 -8.96 -21.32 -8.00
CA SER A 89 -9.00 -21.22 -9.47
C SER A 89 -10.26 -21.88 -10.00
N GLY A 90 -10.92 -21.28 -10.96
CA GLY A 90 -12.16 -21.77 -11.54
C GLY A 90 -13.34 -21.24 -10.75
N HIS A 91 -13.14 -20.39 -9.73
CA HIS A 91 -14.21 -19.85 -8.92
C HIS A 91 -14.18 -18.33 -8.89
N SER A 92 -15.26 -17.72 -8.43
CA SER A 92 -15.29 -16.26 -8.31
C SER A 92 -15.76 -15.89 -6.92
N PHE A 93 -15.58 -14.63 -6.54
CA PHE A 93 -15.99 -14.17 -5.22
C PHE A 93 -16.23 -12.68 -5.31
N LEU A 94 -17.39 -12.27 -4.84
CA LEU A 94 -17.74 -10.88 -4.89
C LEU A 94 -17.41 -10.09 -3.64
N TYR A 95 -16.54 -9.09 -3.79
CA TYR A 95 -16.21 -8.21 -2.67
C TYR A 95 -17.26 -7.09 -2.78
N ASP A 96 -18.02 -6.90 -1.71
CA ASP A 96 -19.09 -5.88 -1.75
C ASP A 96 -18.98 -5.01 -0.53
N PHE A 97 -18.60 -3.74 -0.75
CA PHE A 97 -18.41 -2.87 0.40
C PHE A 97 -18.75 -1.45 0.02
N HIS A 98 -18.87 -0.60 1.03
CA HIS A 98 -19.15 0.80 0.84
C HIS A 98 -17.92 1.58 1.32
N VAL A 99 -17.81 2.79 0.83
CA VAL A 99 -16.79 3.75 1.19
C VAL A 99 -17.55 5.06 1.44
N PRO A 100 -18.20 5.16 2.59
CA PRO A 100 -19.01 6.34 2.87
C PRO A 100 -18.28 7.57 3.32
N ASP A 101 -17.12 7.43 3.93
CA ASP A 101 -16.40 8.50 4.54
C ASP A 101 -14.94 8.64 4.16
N GLN A 102 -14.58 8.17 3.00
CA GLN A 102 -13.19 8.28 2.56
C GLN A 102 -13.17 8.71 1.10
N ALA A 103 -12.09 9.39 0.74
CA ALA A 103 -11.90 9.77 -0.66
C ALA A 103 -10.42 10.07 -0.82
N GLY A 104 -9.83 9.69 -1.96
CA GLY A 104 -8.40 9.97 -2.09
C GLY A 104 -7.78 8.87 -2.97
N THR A 105 -6.48 8.68 -2.78
CA THR A 105 -5.74 7.75 -3.64
C THR A 105 -5.36 6.46 -2.88
N PHE A 106 -5.85 5.38 -3.40
CA PHE A 106 -5.66 4.05 -2.78
C PHE A 106 -5.08 3.08 -3.77
N TRP A 107 -5.06 1.78 -3.50
CA TRP A 107 -4.56 0.81 -4.48
C TRP A 107 -5.10 -0.58 -4.06
N TYR A 108 -4.92 -1.58 -4.88
CA TYR A 108 -5.42 -2.91 -4.48
C TYR A 108 -4.34 -3.90 -4.91
N HIS A 109 -4.27 -5.02 -4.18
CA HIS A 109 -3.22 -5.98 -4.50
C HIS A 109 -3.53 -7.34 -3.87
N SER A 110 -2.94 -8.39 -4.42
CA SER A 110 -3.12 -9.69 -3.81
C SER A 110 -2.58 -9.64 -2.38
N HIS A 111 -3.26 -10.34 -1.48
CA HIS A 111 -2.84 -10.38 -0.08
C HIS A 111 -2.69 -11.85 0.33
N LEU A 112 -2.15 -12.60 -0.61
CA LEU A 112 -1.85 -14.02 -0.42
C LEU A 112 -0.34 -14.17 -0.63
N SER A 113 0.43 -14.55 0.38
CA SER A 113 1.89 -14.73 0.25
C SER A 113 2.56 -13.61 -0.50
N THR A 114 3.47 -13.88 -1.46
CA THR A 114 4.13 -12.76 -2.18
C THR A 114 3.56 -12.59 -3.56
N GLN A 115 2.33 -13.04 -3.80
CA GLN A 115 1.71 -13.01 -5.13
C GLN A 115 1.60 -11.64 -5.74
N TYR A 116 1.40 -10.58 -4.94
CA TYR A 116 1.25 -9.26 -5.58
C TYR A 116 2.50 -8.89 -6.35
N CYS A 117 3.69 -9.31 -5.92
CA CYS A 117 4.91 -9.00 -6.65
C CYS A 117 4.87 -9.62 -8.04
N ASP A 118 4.20 -10.75 -8.24
CA ASP A 118 4.08 -11.39 -9.53
C ASP A 118 3.07 -10.69 -10.47
N GLY A 119 2.39 -9.61 -10.04
CA GLY A 119 1.59 -8.86 -10.99
C GLY A 119 0.24 -8.35 -10.55
N LEU A 120 -0.31 -8.88 -9.46
CA LEU A 120 -1.66 -8.45 -9.06
C LEU A 120 -1.61 -7.25 -8.15
N ARG A 121 -1.49 -6.06 -8.75
CA ARG A 121 -1.40 -4.83 -8.01
C ARG A 121 -1.78 -3.67 -8.95
N GLY A 122 -2.65 -2.77 -8.48
CA GLY A 122 -3.04 -1.66 -9.39
C GLY A 122 -3.61 -0.53 -8.53
N PRO A 123 -3.83 0.65 -9.12
CA PRO A 123 -4.32 1.81 -8.41
C PRO A 123 -5.83 1.82 -8.25
N PHE A 124 -6.29 2.59 -7.27
CA PHE A 124 -7.73 2.67 -6.97
C PHE A 124 -7.96 4.11 -6.46
N VAL A 125 -8.81 4.83 -7.19
CA VAL A 125 -9.07 6.23 -6.83
C VAL A 125 -10.54 6.46 -6.50
N VAL A 126 -10.78 7.10 -5.35
CA VAL A 126 -12.14 7.41 -4.93
C VAL A 126 -12.23 8.95 -4.97
N TYR A 127 -12.94 9.46 -5.95
CA TYR A 127 -13.08 10.92 -6.13
C TYR A 127 -14.04 11.54 -5.12
N ASP A 128 -13.79 12.80 -4.79
CA ASP A 128 -14.69 13.50 -3.86
C ASP A 128 -15.38 14.58 -4.69
N PRO A 129 -16.67 14.46 -4.90
CA PRO A 129 -17.44 15.46 -5.64
C PRO A 129 -17.30 16.86 -5.05
N LYS A 130 -17.02 17.01 -3.76
CA LYS A 130 -16.85 18.26 -3.07
C LYS A 130 -15.45 18.39 -2.50
N ASP A 131 -14.46 17.96 -3.29
CA ASP A 131 -13.07 18.03 -2.84
C ASP A 131 -12.67 19.41 -2.40
N PRO A 132 -12.19 19.54 -1.16
CA PRO A 132 -11.76 20.84 -0.65
C PRO A 132 -10.59 21.42 -1.40
N HIS A 133 -9.84 20.60 -2.14
CA HIS A 133 -8.68 21.07 -2.88
C HIS A 133 -9.01 21.29 -4.36
N ALA A 134 -10.23 21.07 -4.79
CA ALA A 134 -10.62 21.17 -6.18
C ALA A 134 -10.25 22.47 -6.89
N SER A 135 -10.24 23.59 -6.20
CA SER A 135 -9.88 24.86 -6.83
C SER A 135 -8.39 24.97 -7.13
N ARG A 136 -7.54 24.07 -6.64
CA ARG A 136 -6.12 24.10 -6.90
C ARG A 136 -5.68 23.45 -8.21
N TYR A 137 -6.55 22.81 -8.98
CA TYR A 137 -6.08 22.19 -10.19
C TYR A 137 -7.17 22.15 -11.23
N ASP A 138 -6.74 21.95 -12.48
CA ASP A 138 -7.64 21.84 -13.59
C ASP A 138 -7.94 20.43 -14.04
N VAL A 139 -6.92 19.56 -13.98
CA VAL A 139 -7.04 18.19 -14.47
C VAL A 139 -6.78 17.13 -13.39
N ASP A 140 -7.68 16.16 -13.36
CA ASP A 140 -7.60 15.04 -12.42
C ASP A 140 -8.30 13.86 -13.05
N ASN A 141 -7.53 12.96 -13.70
CA ASN A 141 -8.22 11.83 -14.33
C ASN A 141 -7.34 10.61 -14.43
N GLU A 142 -7.72 9.60 -15.19
CA GLU A 142 -6.92 8.38 -15.34
C GLU A 142 -5.52 8.68 -15.82
N SER A 143 -5.32 9.72 -16.64
CA SER A 143 -4.00 10.06 -17.13
C SER A 143 -3.15 10.78 -16.09
N THR A 144 -3.68 11.16 -14.93
CA THR A 144 -2.84 11.80 -13.91
C THR A 144 -2.51 10.81 -12.78
N VAL A 145 -2.83 9.54 -12.91
CA VAL A 145 -2.42 8.56 -11.89
C VAL A 145 -1.01 8.07 -12.26
N ILE A 146 -0.06 8.07 -11.34
CA ILE A 146 1.30 7.59 -11.62
C ILE A 146 1.59 6.42 -10.68
N THR A 147 1.86 5.23 -11.21
CA THR A 147 2.21 4.11 -10.33
C THR A 147 3.73 3.87 -10.39
N LEU A 148 4.30 3.48 -9.26
CA LEU A 148 5.73 3.17 -9.20
C LEU A 148 5.78 1.66 -8.89
N THR A 149 6.40 0.86 -9.74
CA THR A 149 6.45 -0.57 -9.54
C THR A 149 7.87 -1.14 -9.58
N ASP A 150 8.21 -1.99 -8.65
CA ASP A 150 9.50 -2.71 -8.65
C ASP A 150 9.24 -4.00 -9.44
N TRP A 151 9.99 -4.23 -10.53
CA TRP A 151 9.78 -5.41 -11.37
C TRP A 151 10.99 -6.34 -11.35
N TYR A 152 10.75 -7.63 -11.21
CA TYR A 152 11.72 -8.71 -11.13
C TYR A 152 11.62 -9.64 -12.34
N HIS A 153 12.79 -10.04 -12.85
CA HIS A 153 12.82 -10.96 -14.00
C HIS A 153 12.63 -12.39 -13.55
N THR A 154 12.76 -12.67 -12.27
CA THR A 154 12.56 -14.00 -11.71
C THR A 154 11.31 -13.95 -10.82
N ALA A 155 10.43 -14.89 -10.99
CA ALA A 155 9.19 -14.98 -10.21
C ALA A 155 9.46 -15.00 -8.72
N ALA A 156 8.49 -14.44 -7.95
CA ALA A 156 8.63 -14.31 -6.52
C ALA A 156 8.98 -15.62 -5.82
N ARG A 157 8.36 -16.74 -6.17
CA ARG A 157 8.65 -17.98 -5.44
C ARG A 157 9.84 -18.73 -6.02
N LEU A 158 10.45 -18.28 -7.09
CA LEU A 158 11.60 -18.92 -7.68
C LEU A 158 12.89 -18.21 -7.33
N GLY A 159 12.83 -16.98 -6.87
CA GLY A 159 13.99 -16.19 -6.53
C GLY A 159 14.43 -16.33 -5.09
N PRO A 160 15.34 -15.46 -4.66
CA PRO A 160 15.81 -15.49 -3.29
C PRO A 160 14.67 -15.13 -2.35
N ARG A 161 14.79 -15.53 -1.09
CA ARG A 161 13.77 -15.22 -0.10
C ARG A 161 13.73 -13.70 0.14
N PHE A 162 14.88 -13.03 0.11
CA PHE A 162 14.97 -11.59 0.29
C PHE A 162 15.78 -11.01 -0.88
N PRO A 163 15.12 -10.70 -1.98
CA PRO A 163 15.78 -10.18 -3.16
C PRO A 163 16.63 -8.98 -2.81
N LEU A 164 17.74 -8.82 -3.51
CA LEU A 164 18.65 -7.70 -3.26
C LEU A 164 18.39 -6.54 -4.21
N GLY A 165 17.14 -6.29 -4.60
CA GLY A 165 16.82 -5.18 -5.48
C GLY A 165 16.05 -5.69 -6.69
N ALA A 166 15.34 -4.80 -7.37
CA ALA A 166 14.54 -5.18 -8.52
C ALA A 166 15.37 -5.08 -9.79
N ASP A 167 14.87 -5.67 -10.88
CA ASP A 167 15.56 -5.57 -12.18
C ASP A 167 15.19 -4.27 -12.87
N ALA A 168 13.98 -3.76 -12.59
CA ALA A 168 13.62 -2.49 -13.22
C ALA A 168 12.59 -1.74 -12.34
N THR A 169 12.58 -0.45 -12.56
CA THR A 169 11.59 0.43 -11.94
C THR A 169 10.61 0.74 -13.07
N LEU A 170 9.33 0.49 -12.88
CA LEU A 170 8.34 0.79 -13.90
C LEU A 170 7.51 1.99 -13.43
N ILE A 171 7.32 2.95 -14.34
CA ILE A 171 6.52 4.14 -14.03
C ILE A 171 5.35 3.99 -14.98
N ASN A 172 4.11 3.93 -14.49
CA ASN A 172 2.97 3.68 -15.35
C ASN A 172 3.17 2.43 -16.20
N GLY A 173 3.74 1.38 -15.64
CA GLY A 173 3.93 0.09 -16.21
C GLY A 173 5.05 -0.08 -17.22
N LEU A 174 5.88 0.93 -17.41
CA LEU A 174 6.97 0.85 -18.37
C LEU A 174 8.28 1.36 -17.82
N GLY A 175 9.37 0.75 -18.25
CA GLY A 175 10.68 1.25 -17.80
C GLY A 175 11.77 0.40 -18.45
N ARG A 176 13.02 0.77 -18.18
CA ARG A 176 14.15 0.05 -18.73
C ARG A 176 14.90 -0.73 -17.66
N SER A 177 15.47 -1.86 -18.05
CA SER A 177 16.28 -2.63 -17.15
C SER A 177 17.72 -2.44 -17.69
N ALA A 178 18.70 -2.85 -16.93
CA ALA A 178 20.09 -2.73 -17.39
C ALA A 178 20.45 -3.79 -18.40
N SER A 179 19.51 -4.52 -18.95
CA SER A 179 19.71 -5.57 -19.94
C SER A 179 18.79 -5.27 -21.12
N THR A 180 17.99 -4.20 -20.97
CA THR A 180 17.06 -3.74 -21.98
C THR A 180 17.10 -2.22 -22.14
N PRO A 181 18.26 -1.66 -22.47
CA PRO A 181 18.45 -0.23 -22.62
C PRO A 181 17.60 0.48 -23.64
N THR A 182 16.95 -0.23 -24.54
CA THR A 182 16.12 0.38 -25.57
C THR A 182 14.62 0.27 -25.36
N ALA A 183 14.14 -0.31 -24.26
CA ALA A 183 12.69 -0.43 -24.04
C ALA A 183 12.00 0.93 -23.99
N ALA A 184 10.72 0.99 -24.28
CA ALA A 184 9.95 2.21 -24.28
C ALA A 184 9.78 2.81 -22.88
N LEU A 185 9.82 4.13 -22.78
CA LEU A 185 9.65 4.81 -21.51
C LEU A 185 8.21 5.31 -21.46
N ALA A 186 7.64 5.45 -20.25
CA ALA A 186 6.29 5.96 -20.16
C ALA A 186 6.37 7.47 -20.44
N VAL A 187 5.34 8.04 -21.01
CA VAL A 187 5.33 9.49 -21.23
C VAL A 187 4.06 10.04 -20.55
N ILE A 188 4.22 11.12 -19.84
CA ILE A 188 3.07 11.76 -19.21
C ILE A 188 2.93 13.11 -19.94
N ASN A 189 1.80 13.29 -20.58
CA ASN A 189 1.52 14.51 -21.36
C ASN A 189 0.79 15.58 -20.60
N VAL A 190 1.34 16.81 -20.65
CA VAL A 190 0.75 17.96 -19.98
C VAL A 190 0.65 19.12 -21.00
N GLN A 191 -0.29 20.02 -20.78
CA GLN A 191 -0.45 21.19 -21.66
C GLN A 191 0.01 22.45 -20.91
N HIS A 192 0.82 23.28 -21.53
CA HIS A 192 1.29 24.51 -20.91
C HIS A 192 0.14 25.30 -20.33
N GLY A 193 0.33 25.86 -19.13
CA GLY A 193 -0.66 26.66 -18.46
C GLY A 193 -1.73 25.94 -17.65
N LYS A 194 -1.73 24.61 -17.61
CA LYS A 194 -2.73 23.89 -16.84
C LYS A 194 -2.14 23.33 -15.56
N ARG A 195 -3.03 23.13 -14.58
CA ARG A 195 -2.63 22.59 -13.28
C ARG A 195 -3.19 21.16 -13.19
N TYR A 196 -2.32 20.24 -12.80
CA TYR A 196 -2.66 18.83 -12.72
C TYR A 196 -2.60 18.25 -11.31
N ARG A 197 -3.61 17.45 -10.96
CA ARG A 197 -3.52 16.76 -9.67
C ARG A 197 -2.91 15.39 -9.99
N PHE A 198 -1.62 15.19 -9.73
CA PHE A 198 -1.04 13.87 -10.01
C PHE A 198 -1.24 13.01 -8.73
N ARG A 199 -1.63 11.79 -8.92
CA ARG A 199 -1.87 10.87 -7.79
C ARG A 199 -0.79 9.79 -7.86
N LEU A 200 0.20 9.96 -7.00
CA LEU A 200 1.37 9.11 -6.97
C LEU A 200 1.13 7.89 -6.06
N VAL A 201 1.23 6.73 -6.69
CA VAL A 201 0.95 5.50 -5.90
C VAL A 201 2.13 4.56 -5.90
N SER A 202 2.67 4.21 -4.72
CA SER A 202 3.74 3.22 -4.75
C SER A 202 3.10 1.83 -4.64
N ILE A 203 3.24 1.00 -5.68
CA ILE A 203 2.68 -0.37 -5.53
C ILE A 203 3.87 -1.33 -5.34
N SER A 204 4.93 -0.81 -4.72
CA SER A 204 6.16 -1.57 -4.55
C SER A 204 6.05 -2.76 -3.63
N CYS A 205 6.77 -3.83 -3.92
CA CYS A 205 6.87 -4.97 -3.02
C CYS A 205 8.03 -4.75 -2.05
N ASP A 206 8.89 -3.76 -2.31
CA ASP A 206 10.05 -3.60 -1.44
C ASP A 206 10.71 -2.25 -1.42
N PRO A 207 11.42 -1.81 -2.43
CA PRO A 207 12.15 -0.56 -2.38
C PRO A 207 11.28 0.67 -2.17
N ASN A 208 11.95 1.66 -1.56
CA ASN A 208 11.28 2.97 -1.44
C ASN A 208 11.88 3.75 -2.62
N TYR A 209 11.24 4.82 -3.06
CA TYR A 209 11.75 5.59 -4.18
C TYR A 209 11.85 7.07 -3.81
N THR A 210 12.88 7.69 -4.38
CA THR A 210 13.03 9.15 -4.18
C THR A 210 12.54 9.70 -5.50
N PHE A 211 11.38 10.32 -5.49
CA PHE A 211 10.70 10.83 -6.66
C PHE A 211 10.86 12.31 -6.92
N SER A 212 11.11 12.67 -8.17
CA SER A 212 11.24 14.11 -8.48
C SER A 212 11.09 14.29 -9.98
N ILE A 213 10.71 15.50 -10.38
CA ILE A 213 10.49 15.88 -11.76
C ILE A 213 11.41 17.06 -12.07
N ASP A 214 12.32 16.87 -13.04
CA ASP A 214 13.25 17.97 -13.34
C ASP A 214 12.49 19.26 -13.64
N GLY A 215 13.03 20.36 -13.14
CA GLY A 215 12.56 21.70 -13.32
C GLY A 215 11.21 22.05 -12.79
N HIS A 216 10.60 21.20 -11.94
CA HIS A 216 9.26 21.51 -11.43
C HIS A 216 9.16 21.27 -9.93
N ASN A 217 8.46 22.17 -9.24
CA ASN A 217 8.26 21.98 -7.79
C ASN A 217 6.88 21.31 -7.68
N LEU A 218 6.55 20.67 -6.57
CA LEU A 218 5.28 19.96 -6.47
C LEU A 218 4.52 20.37 -5.22
N THR A 219 3.21 20.53 -5.27
CA THR A 219 2.49 20.92 -4.06
C THR A 219 1.72 19.70 -3.51
N VAL A 220 2.17 19.14 -2.40
CA VAL A 220 1.47 17.97 -1.86
C VAL A 220 0.16 18.38 -1.18
N ILE A 221 -0.95 17.71 -1.50
CA ILE A 221 -2.25 18.04 -0.92
C ILE A 221 -2.99 16.82 -0.36
N GLU A 222 -2.38 15.62 -0.49
CA GLU A 222 -3.08 14.41 0.05
C GLU A 222 -2.00 13.39 0.47
N VAL A 223 -2.20 12.69 1.56
CA VAL A 223 -1.25 11.72 2.11
C VAL A 223 -1.99 10.44 2.46
N ASP A 224 -1.77 9.31 1.78
CA ASP A 224 -2.48 8.07 2.04
C ASP A 224 -3.98 8.26 2.22
N GLY A 225 -4.64 9.02 1.31
CA GLY A 225 -6.07 9.21 1.43
C GLY A 225 -6.47 10.35 2.36
N ILE A 226 -5.57 11.03 3.05
CA ILE A 226 -5.94 12.10 3.98
C ILE A 226 -5.57 13.46 3.39
N ASN A 227 -6.56 14.35 3.26
CA ASN A 227 -6.23 15.68 2.72
C ASN A 227 -5.28 16.43 3.63
N SER A 228 -4.24 17.05 3.07
CA SER A 228 -3.31 17.78 3.90
C SER A 228 -3.26 19.27 3.51
N GLN A 229 -2.70 20.07 4.40
N GLN A 229 -2.67 20.07 4.39
CA GLN A 229 -2.48 21.49 4.10
CA GLN A 229 -2.48 21.49 4.09
C GLN A 229 -1.45 21.46 2.95
C GLN A 229 -1.40 21.50 2.98
N PRO A 230 -1.55 22.37 2.01
CA PRO A 230 -0.63 22.39 0.86
C PRO A 230 0.80 22.48 1.28
N LEU A 231 1.67 21.62 0.72
CA LEU A 231 3.07 21.67 1.12
C LEU A 231 3.95 21.65 -0.14
N LEU A 232 4.76 22.68 -0.29
CA LEU A 232 5.64 22.79 -1.46
C LEU A 232 6.92 22.02 -1.23
N VAL A 233 7.21 21.07 -2.14
CA VAL A 233 8.42 20.27 -2.02
C VAL A 233 9.06 20.11 -3.41
N ASP A 234 10.30 19.59 -3.45
CA ASP A 234 10.92 19.38 -4.77
C ASP A 234 11.33 17.94 -4.93
N SER A 235 11.08 17.10 -3.90
CA SER A 235 11.35 15.69 -3.99
C SER A 235 10.48 14.97 -2.91
N ILE A 236 10.13 13.74 -3.21
CA ILE A 236 9.29 12.96 -2.29
C ILE A 236 9.88 11.58 -2.11
N GLN A 237 10.27 11.19 -0.90
CA GLN A 237 10.77 9.83 -0.68
C GLN A 237 9.50 9.01 -0.31
N ILE A 238 9.08 8.10 -1.17
CA ILE A 238 7.82 7.38 -0.92
C ILE A 238 8.09 5.90 -0.67
N PHE A 239 7.59 5.44 0.48
CA PHE A 239 7.79 4.05 0.89
C PHE A 239 6.73 3.15 0.31
N ALA A 240 7.05 1.84 0.31
CA ALA A 240 6.09 0.92 -0.30
C ALA A 240 4.68 1.10 0.27
N ALA A 241 3.68 1.13 -0.62
CA ALA A 241 2.29 1.24 -0.32
C ALA A 241 1.77 2.62 0.03
N GLN A 242 2.64 3.61 0.18
CA GLN A 242 2.20 4.97 0.45
C GLN A 242 1.68 5.63 -0.82
N ARG A 243 0.86 6.71 -0.58
CA ARG A 243 0.34 7.45 -1.70
C ARG A 243 0.37 8.96 -1.39
N TYR A 244 0.57 9.74 -2.44
CA TYR A 244 0.55 11.19 -2.28
C TYR A 244 -0.14 11.80 -3.49
N SER A 245 -0.91 12.86 -3.30
CA SER A 245 -1.44 13.59 -4.45
C SER A 245 -0.61 14.92 -4.38
N PHE A 246 -0.18 15.41 -5.54
CA PHE A 246 0.58 16.65 -5.59
C PHE A 246 0.10 17.43 -6.82
N VAL A 247 0.14 18.74 -6.69
CA VAL A 247 -0.27 19.57 -7.83
C VAL A 247 1.00 19.99 -8.57
N LEU A 248 0.94 19.83 -9.88
CA LEU A 248 1.98 20.22 -10.80
C LEU A 248 1.40 21.35 -11.71
N ASN A 249 2.05 22.49 -11.65
CA ASN A 249 1.62 23.63 -12.51
C ASN A 249 2.48 23.53 -13.76
N ALA A 250 1.87 23.25 -14.90
CA ALA A 250 2.67 23.10 -16.13
C ALA A 250 2.89 24.48 -16.77
N ASN A 251 3.71 25.27 -16.14
CA ASN A 251 3.99 26.63 -16.55
C ASN A 251 5.46 26.84 -16.86
N GLN A 252 6.21 25.76 -17.07
CA GLN A 252 7.62 25.93 -17.39
C GLN A 252 7.76 25.98 -18.92
N THR A 253 8.97 26.17 -19.42
CA THR A 253 9.12 26.22 -20.88
C THR A 253 8.82 24.87 -21.52
N VAL A 254 7.98 24.91 -22.55
CA VAL A 254 7.60 23.72 -23.30
C VAL A 254 8.82 22.90 -23.69
N GLY A 255 8.86 21.65 -23.23
CA GLY A 255 9.97 20.75 -23.52
C GLY A 255 9.68 19.33 -22.96
N ASN A 256 10.74 18.58 -22.84
CA ASN A 256 10.73 17.23 -22.32
C ASN A 256 11.51 17.25 -21.02
N TYR A 257 10.87 16.78 -19.93
CA TYR A 257 11.58 16.80 -18.64
C TYR A 257 11.64 15.37 -18.08
N TRP A 258 12.71 15.00 -17.42
CA TRP A 258 12.79 13.66 -16.89
C TRP A 258 11.95 13.58 -15.59
N ILE A 259 11.29 12.44 -15.46
CA ILE A 259 10.56 12.15 -14.19
C ILE A 259 11.49 11.09 -13.58
N ARG A 260 11.95 11.23 -12.37
CA ARG A 260 12.87 10.31 -11.74
C ARG A 260 12.28 9.62 -10.51
N ALA A 261 12.56 8.34 -10.40
CA ALA A 261 12.13 7.55 -9.23
C ALA A 261 13.32 6.66 -8.90
N ASN A 262 14.18 7.09 -8.02
CA ASN A 262 15.38 6.34 -7.65
C ASN A 262 15.16 5.43 -6.47
N PRO A 263 15.37 4.12 -6.61
CA PRO A 263 15.15 3.17 -5.54
C PRO A 263 16.23 3.29 -4.49
N ASN A 264 15.96 2.84 -3.27
CA ASN A 264 16.95 2.90 -2.20
C ASN A 264 18.02 1.82 -2.37
N PHE A 265 17.77 0.76 -3.11
CA PHE A 265 18.73 -0.31 -3.34
C PHE A 265 18.43 -1.00 -4.67
N GLY A 266 19.36 -1.83 -5.14
CA GLY A 266 19.18 -2.47 -6.45
C GLY A 266 20.01 -1.64 -7.45
N THR A 267 19.52 -1.39 -8.64
CA THR A 267 20.29 -0.58 -9.59
C THR A 267 19.89 0.89 -9.45
N VAL A 268 20.72 1.67 -8.76
CA VAL A 268 20.38 3.08 -8.55
C VAL A 268 20.91 4.01 -9.61
N GLY A 269 20.36 5.23 -9.65
CA GLY A 269 20.83 6.18 -10.65
C GLY A 269 20.00 6.11 -11.91
N PHE A 270 20.38 6.92 -12.91
CA PHE A 270 19.65 7.04 -14.14
C PHE A 270 20.38 6.74 -15.43
N ALA A 271 21.46 5.96 -15.39
CA ALA A 271 22.21 5.64 -16.62
C ALA A 271 21.36 4.91 -17.64
N GLY A 272 21.30 5.47 -18.85
CA GLY A 272 20.53 4.87 -19.93
C GLY A 272 19.03 5.11 -19.81
N GLY A 273 18.61 5.95 -18.88
CA GLY A 273 17.18 6.22 -18.74
C GLY A 273 16.50 5.19 -17.83
N ILE A 274 17.27 4.44 -17.04
CA ILE A 274 16.62 3.49 -16.12
C ILE A 274 16.02 4.38 -15.00
N ASN A 275 15.05 3.85 -14.27
CA ASN A 275 14.42 4.54 -13.15
C ASN A 275 13.85 5.90 -13.53
N SER A 276 13.38 6.05 -14.77
CA SER A 276 12.89 7.30 -15.25
C SER A 276 11.68 7.16 -16.16
N ALA A 277 11.10 8.32 -16.40
CA ALA A 277 9.97 8.46 -17.27
C ALA A 277 10.08 9.87 -17.89
N ILE A 278 9.18 10.18 -18.79
CA ILE A 278 9.21 11.47 -19.45
C ILE A 278 7.99 12.34 -19.25
N LEU A 279 8.23 13.59 -18.83
CA LEU A 279 7.11 14.54 -18.73
C LEU A 279 7.22 15.34 -20.07
N ARG A 280 6.20 15.32 -20.89
CA ARG A 280 6.24 16.01 -22.17
C ARG A 280 5.15 17.04 -22.35
N TYR A 281 5.54 18.32 -22.49
CA TYR A 281 4.52 19.34 -22.73
C TYR A 281 4.00 19.22 -24.17
N GLN A 282 2.74 19.47 -24.40
CA GLN A 282 2.21 19.38 -25.78
C GLN A 282 2.98 20.42 -26.60
N GLY A 283 3.41 20.05 -27.81
CA GLY A 283 4.18 21.02 -28.63
C GLY A 283 5.66 20.69 -28.59
N ALA A 284 6.10 19.92 -27.60
CA ALA A 284 7.49 19.51 -27.51
C ALA A 284 7.78 18.41 -28.55
N PRO A 285 9.01 18.28 -28.99
CA PRO A 285 9.38 17.27 -29.96
C PRO A 285 9.33 15.88 -29.32
N VAL A 286 9.11 14.86 -30.14
CA VAL A 286 9.10 13.50 -29.59
C VAL A 286 10.56 13.14 -29.40
N ALA A 287 11.08 13.16 -28.18
CA ALA A 287 12.47 12.85 -27.92
C ALA A 287 12.72 12.67 -26.43
N GLU A 288 13.86 12.10 -26.08
CA GLU A 288 14.19 11.95 -24.67
C GLU A 288 14.67 13.28 -24.12
N PRO A 289 14.34 13.57 -22.87
CA PRO A 289 14.74 14.81 -22.23
C PRO A 289 16.25 14.91 -22.08
N THR A 290 16.76 16.13 -21.94
CA THR A 290 18.21 16.31 -21.74
C THR A 290 18.40 17.16 -20.49
N THR A 291 17.32 17.27 -19.70
CA THR A 291 17.38 18.05 -18.47
C THR A 291 18.30 17.38 -17.46
N THR A 292 18.86 18.20 -16.57
CA THR A 292 19.77 17.73 -15.56
C THR A 292 19.06 17.85 -14.19
N GLN A 293 19.48 16.93 -13.33
CA GLN A 293 18.93 16.85 -12.00
C GLN A 293 19.55 17.88 -11.05
N THR A 294 18.68 18.65 -10.43
CA THR A 294 19.13 19.66 -9.47
C THR A 294 18.94 19.12 -8.04
N THR A 295 19.88 19.50 -7.19
CA THR A 295 19.88 19.10 -5.79
C THR A 295 18.54 19.42 -5.15
N SER A 296 18.03 18.52 -4.30
CA SER A 296 16.74 18.78 -3.68
C SER A 296 16.93 19.70 -2.49
N VAL A 297 16.29 20.87 -2.50
CA VAL A 297 16.47 21.82 -1.40
C VAL A 297 15.27 21.92 -0.49
N ILE A 298 14.11 21.40 -0.90
CA ILE A 298 12.92 21.43 -0.05
C ILE A 298 12.24 20.04 -0.16
N PRO A 299 12.91 19.02 0.31
CA PRO A 299 12.37 17.67 0.26
C PRO A 299 11.19 17.51 1.21
N LEU A 300 10.35 16.55 0.89
N LEU A 300 10.32 16.55 0.92
CA LEU A 300 9.19 16.28 1.76
CA LEU A 300 9.16 16.26 1.74
C LEU A 300 9.71 15.75 3.08
C LEU A 300 9.64 15.68 3.07
N ILE A 301 9.22 16.29 4.19
CA ILE A 301 9.60 15.80 5.52
C ILE A 301 8.26 15.47 6.20
N GLU A 302 8.08 14.28 6.76
CA GLU A 302 6.76 13.93 7.29
C GLU A 302 6.25 14.84 8.36
N THR A 303 7.13 15.40 9.21
CA THR A 303 6.67 16.30 10.25
C THR A 303 6.18 17.62 9.71
N ASN A 304 6.35 17.93 8.42
CA ASN A 304 5.85 19.18 7.86
C ASN A 304 4.45 18.98 7.29
N LEU A 305 3.95 17.73 7.24
CA LEU A 305 2.61 17.46 6.77
C LEU A 305 1.60 17.60 7.90
N HIS A 306 0.49 18.26 7.63
CA HIS A 306 -0.58 18.46 8.62
C HIS A 306 -1.89 18.26 7.91
N PRO A 307 -2.90 17.67 8.53
CA PRO A 307 -4.17 17.46 7.92
C PRO A 307 -4.87 18.80 7.62
N LEU A 308 -5.62 18.87 6.56
CA LEU A 308 -6.39 20.05 6.15
C LEU A 308 -7.52 20.27 7.16
N ALA A 309 -8.23 19.22 7.55
CA ALA A 309 -9.31 19.38 8.53
C ALA A 309 -8.73 19.03 9.91
N ARG A 310 -9.23 19.56 11.01
CA ARG A 310 -8.72 19.18 12.31
C ARG A 310 -8.94 17.68 12.58
N MET A 311 -7.88 16.99 12.95
N MET A 311 -7.88 17.00 13.00
CA MET A 311 -7.95 15.55 13.29
CA MET A 311 -7.93 15.57 13.32
C MET A 311 -7.22 15.47 14.63
C MET A 311 -7.22 15.33 14.66
N PRO A 312 -7.94 15.62 15.75
CA PRO A 312 -7.32 15.60 17.06
C PRO A 312 -6.65 14.26 17.36
N VAL A 313 -5.53 14.29 18.04
CA VAL A 313 -4.85 13.05 18.43
C VAL A 313 -5.59 12.42 19.60
N PRO A 314 -5.92 11.15 19.55
CA PRO A 314 -6.60 10.51 20.67
C PRO A 314 -5.70 10.37 21.89
N GLY A 315 -6.20 10.56 23.09
CA GLY A 315 -5.47 10.44 24.33
C GLY A 315 -4.87 11.70 24.86
N SER A 316 -4.14 11.60 25.97
N SER A 316 -4.16 11.62 25.98
CA SER A 316 -3.50 12.77 26.55
CA SER A 316 -3.57 12.83 26.54
C SER A 316 -2.20 13.08 25.86
C SER A 316 -2.22 13.08 25.91
N PRO A 317 -1.78 14.34 25.85
CA PRO A 317 -0.55 14.73 25.22
C PRO A 317 0.69 14.36 26.02
N THR A 318 0.90 13.08 26.32
CA THR A 318 2.04 12.59 27.07
C THR A 318 2.30 11.14 26.66
N PRO A 319 3.55 10.69 26.71
CA PRO A 319 3.88 9.33 26.31
C PRO A 319 3.12 8.33 27.11
N GLY A 320 2.48 7.34 26.45
CA GLY A 320 1.72 6.32 27.16
C GLY A 320 0.42 6.88 27.70
N GLY A 321 0.02 8.10 27.31
CA GLY A 321 -1.22 8.68 27.84
C GLY A 321 -2.44 8.16 27.09
N VAL A 322 -2.67 6.86 27.12
CA VAL A 322 -3.77 6.26 26.39
C VAL A 322 -4.32 5.10 27.20
N ASP A 323 -5.41 4.47 26.73
CA ASP A 323 -6.00 3.35 27.44
C ASP A 323 -5.12 2.10 27.34
N LYS A 324 -4.43 1.96 26.19
CA LYS A 324 -3.57 0.78 26.05
C LYS A 324 -2.36 1.10 25.20
N ALA A 325 -1.18 0.91 25.75
CA ALA A 325 0.06 1.22 25.05
C ALA A 325 0.78 -0.08 24.78
N LEU A 326 1.32 -0.25 23.58
CA LEU A 326 2.04 -1.46 23.21
C LEU A 326 3.35 -1.13 22.50
N ASN A 327 4.41 -1.77 22.93
CA ASN A 327 5.71 -1.57 22.29
C ASN A 327 6.00 -2.83 21.48
N LEU A 328 6.37 -2.71 20.22
CA LEU A 328 6.66 -3.84 19.39
C LEU A 328 8.17 -4.01 19.24
N ALA A 329 8.69 -5.09 19.81
CA ALA A 329 10.12 -5.37 19.74
C ALA A 329 10.39 -6.28 18.56
N PHE A 330 11.18 -5.84 17.59
CA PHE A 330 11.44 -6.65 16.40
C PHE A 330 12.68 -7.54 16.57
N ASN A 331 12.73 -8.62 15.82
CA ASN A 331 13.90 -9.49 15.84
C ASN A 331 13.88 -10.25 14.51
N PHE A 332 14.95 -10.93 14.20
CA PHE A 332 15.14 -11.67 12.97
C PHE A 332 16.16 -12.78 13.24
N ASN A 333 15.93 -13.99 12.75
CA ASN A 333 16.86 -15.08 13.03
C ASN A 333 17.56 -15.65 11.83
N GLY A 334 17.65 -14.92 10.73
CA GLY A 334 18.32 -15.42 9.53
C GLY A 334 17.31 -15.72 8.44
N THR A 335 16.15 -16.26 8.81
CA THR A 335 15.13 -16.59 7.85
C THR A 335 13.75 -15.99 8.16
N ASN A 336 13.46 -15.71 9.41
CA ASN A 336 12.16 -15.20 9.85
C ASN A 336 12.28 -13.96 10.74
N PHE A 337 11.25 -13.13 10.62
CA PHE A 337 11.11 -11.92 11.40
C PHE A 337 10.16 -12.22 12.57
N PHE A 338 10.34 -11.52 13.67
CA PHE A 338 9.56 -11.71 14.86
C PHE A 338 9.14 -10.35 15.43
N ILE A 339 7.98 -10.37 16.07
CA ILE A 339 7.49 -9.21 16.80
C ILE A 339 7.17 -9.74 18.19
N ASN A 340 7.86 -9.24 19.21
CA ASN A 340 7.60 -9.70 20.58
C ASN A 340 7.74 -11.23 20.65
N ASN A 341 8.78 -11.76 20.05
CA ASN A 341 9.10 -13.17 20.05
C ASN A 341 8.19 -14.10 19.28
N ALA A 342 7.35 -13.58 18.36
CA ALA A 342 6.47 -14.47 17.61
C ALA A 342 6.62 -14.13 16.13
N SER A 343 6.72 -15.17 15.31
CA SER A 343 6.84 -14.96 13.86
C SER A 343 5.49 -15.38 13.29
N PHE A 344 4.86 -14.52 12.48
CA PHE A 344 3.54 -14.88 11.97
C PHE A 344 3.56 -15.97 10.92
N THR A 345 2.75 -17.01 11.13
N THR A 345 2.72 -16.98 11.12
CA THR A 345 2.57 -18.11 10.18
CA THR A 345 2.58 -18.06 10.14
C THR A 345 1.04 -18.19 10.01
C THR A 345 1.06 -18.29 10.01
N PRO A 346 0.55 -18.22 8.79
CA PRO A 346 -0.91 -18.27 8.57
C PRO A 346 -1.57 -19.47 9.21
N PRO A 347 -2.61 -19.29 9.99
CA PRO A 347 -3.32 -20.40 10.62
C PRO A 347 -4.17 -21.13 9.61
N THR A 348 -4.64 -22.34 9.91
CA THR A 348 -5.44 -23.07 8.92
C THR A 348 -6.83 -22.51 8.81
N VAL A 349 -7.33 -21.98 9.94
CA VAL A 349 -8.65 -21.38 9.98
C VAL A 349 -8.45 -19.87 10.07
N PRO A 350 -9.03 -19.12 9.15
CA PRO A 350 -8.86 -17.66 9.17
C PRO A 350 -9.24 -17.10 10.53
N VAL A 351 -8.47 -16.13 11.01
CA VAL A 351 -8.79 -15.54 12.32
C VAL A 351 -10.21 -15.05 12.43
N LEU A 352 -10.79 -14.46 11.39
CA LEU A 352 -12.17 -13.98 11.52
C LEU A 352 -13.10 -15.20 11.75
N LEU A 353 -12.85 -16.29 11.07
CA LEU A 353 -13.69 -17.51 11.24
C LEU A 353 -13.45 -18.08 12.65
N GLN A 354 -12.24 -17.97 13.18
CA GLN A 354 -11.98 -18.45 14.55
C GLN A 354 -12.89 -17.72 15.53
N ILE A 355 -12.95 -16.39 15.41
CA ILE A 355 -13.76 -15.52 16.22
C ILE A 355 -15.22 -15.84 16.06
N LEU A 356 -15.69 -16.06 14.82
CA LEU A 356 -17.08 -16.41 14.61
C LEU A 356 -17.35 -17.82 15.18
N SER A 357 -16.33 -18.65 15.32
CA SER A 357 -16.50 -19.99 15.86
C SER A 357 -16.40 -20.08 17.37
N GLY A 358 -16.22 -18.98 18.09
CA GLY A 358 -16.13 -19.01 19.54
C GLY A 358 -14.83 -18.59 20.18
N ALA A 359 -13.75 -18.40 19.43
CA ALA A 359 -12.47 -17.99 20.04
C ALA A 359 -12.53 -16.53 20.45
N GLN A 360 -12.26 -16.23 21.72
CA GLN A 360 -12.34 -14.87 22.23
C GLN A 360 -11.09 -14.32 22.86
N THR A 361 -10.18 -15.13 23.36
CA THR A 361 -8.98 -14.63 24.03
C THR A 361 -7.71 -14.92 23.27
N ALA A 362 -6.60 -14.34 23.74
CA ALA A 362 -5.30 -14.51 23.12
C ALA A 362 -4.85 -15.96 23.09
N GLN A 363 -5.14 -16.74 24.14
CA GLN A 363 -4.70 -18.14 24.11
C GLN A 363 -5.68 -19.02 23.35
N ASP A 364 -6.85 -18.51 22.98
CA ASP A 364 -7.84 -19.21 22.21
C ASP A 364 -7.55 -19.01 20.68
N LEU A 365 -7.03 -17.85 20.33
CA LEU A 365 -6.76 -17.49 18.94
C LEU A 365 -5.42 -17.94 18.40
N LEU A 366 -5.36 -18.36 17.13
CA LEU A 366 -4.14 -18.83 16.48
C LEU A 366 -3.78 -17.88 15.33
N PRO A 367 -2.50 -17.72 15.03
CA PRO A 367 -1.42 -18.41 15.72
C PRO A 367 -1.09 -17.82 17.06
N ALA A 368 -0.67 -18.72 17.97
CA ALA A 368 -0.38 -18.35 19.34
C ALA A 368 0.77 -17.36 19.44
N GLY A 369 0.58 -16.29 20.17
CA GLY A 369 1.59 -15.27 20.35
C GLY A 369 1.51 -14.14 19.31
N SER A 370 0.73 -14.30 18.25
CA SER A 370 0.67 -13.26 17.21
C SER A 370 -0.66 -12.52 17.16
N VAL A 371 -1.62 -12.91 17.98
CA VAL A 371 -2.94 -12.28 17.96
C VAL A 371 -3.20 -11.55 19.27
N TYR A 372 -3.43 -10.24 19.19
CA TYR A 372 -3.68 -9.38 20.31
C TYR A 372 -5.07 -8.77 20.34
N PRO A 373 -5.88 -9.11 21.32
CA PRO A 373 -7.20 -8.54 21.48
C PRO A 373 -7.03 -7.09 21.93
N LEU A 374 -7.89 -6.22 21.43
CA LEU A 374 -7.86 -4.82 21.81
C LEU A 374 -9.26 -4.50 22.36
N PRO A 375 -9.32 -3.71 23.41
CA PRO A 375 -10.58 -3.30 23.98
C PRO A 375 -11.33 -2.36 23.07
N ALA A 376 -12.66 -2.37 23.13
CA ALA A 376 -13.50 -1.53 22.31
C ALA A 376 -13.46 -0.07 22.76
N HIS A 377 -13.70 0.83 21.84
CA HIS A 377 -13.74 2.26 22.04
C HIS A 377 -12.66 2.79 22.93
N SER A 378 -11.40 2.44 22.70
CA SER A 378 -10.30 2.86 23.51
C SER A 378 -9.24 3.59 22.67
N THR A 379 -8.35 4.26 23.35
CA THR A 379 -7.23 4.95 22.69
C THR A 379 -6.02 4.04 22.83
N ILE A 380 -5.32 3.88 21.70
CA ILE A 380 -4.18 3.01 21.57
C ILE A 380 -2.94 3.76 21.11
N GLU A 381 -1.82 3.41 21.74
CA GLU A 381 -0.54 3.96 21.33
C GLU A 381 0.37 2.77 21.03
N ILE A 382 1.00 2.79 19.86
N ILE A 382 0.99 2.76 19.86
CA ILE A 382 1.92 1.74 19.43
CA ILE A 382 1.90 1.70 19.43
C ILE A 382 3.27 2.37 19.10
C ILE A 382 3.27 2.35 19.11
N THR A 383 4.32 1.80 19.67
CA THR A 383 5.69 2.26 19.38
C THR A 383 6.35 1.15 18.56
N LEU A 384 7.09 1.52 17.53
CA LEU A 384 7.74 0.53 16.64
C LEU A 384 9.22 0.89 16.48
N PRO A 385 10.00 0.78 17.56
CA PRO A 385 11.37 1.17 17.55
C PRO A 385 12.25 0.48 16.55
N ALA A 386 13.04 1.30 15.82
CA ALA A 386 13.96 0.71 14.85
C ALA A 386 15.04 -0.05 15.61
N THR A 387 15.55 -1.13 15.05
CA THR A 387 16.59 -1.88 15.81
C THR A 387 17.48 -2.62 14.85
N ALA A 388 18.75 -2.80 15.18
CA ALA A 388 19.70 -3.51 14.34
C ALA A 388 19.36 -4.99 14.24
N LEU A 389 18.56 -5.49 15.17
CA LEU A 389 18.16 -6.90 15.14
C LEU A 389 17.14 -7.19 14.05
N ALA A 390 16.66 -6.19 13.31
CA ALA A 390 15.69 -6.38 12.23
C ALA A 390 16.17 -5.70 10.96
N PRO A 391 17.04 -6.40 10.22
CA PRO A 391 17.62 -5.91 9.00
C PRO A 391 16.59 -5.63 7.91
N GLY A 392 17.01 -4.83 6.93
CA GLY A 392 16.15 -4.47 5.82
C GLY A 392 15.37 -3.19 6.11
N ALA A 393 15.87 -2.39 7.03
CA ALA A 393 15.24 -1.10 7.37
C ALA A 393 15.47 -0.10 6.27
N PRO A 394 14.66 0.93 6.13
CA PRO A 394 13.53 1.21 6.98
C PRO A 394 12.32 0.39 6.59
N HIS A 395 11.67 -0.20 7.59
CA HIS A 395 10.50 -1.03 7.38
C HIS A 395 9.23 -0.18 7.40
N PRO A 396 8.47 -0.13 6.32
CA PRO A 396 7.23 0.64 6.29
C PRO A 396 6.09 -0.20 6.89
N PHE A 397 5.56 0.19 8.06
CA PHE A 397 4.50 -0.60 8.67
C PHE A 397 3.13 -0.08 8.25
N HIS A 398 2.21 -1.01 8.10
CA HIS A 398 0.86 -0.64 7.69
C HIS A 398 -0.18 -1.29 8.61
N LEU A 399 -1.21 -0.51 8.93
CA LEU A 399 -2.27 -1.04 9.78
C LEU A 399 -3.55 -1.13 8.93
N HIS A 400 -4.19 -2.28 8.90
CA HIS A 400 -5.46 -2.44 8.21
C HIS A 400 -6.59 -1.90 9.11
N GLY A 401 -7.69 -1.53 8.46
CA GLY A 401 -8.90 -1.05 9.12
C GLY A 401 -8.87 0.32 9.71
N HIS A 402 -7.74 1.04 9.71
CA HIS A 402 -7.65 2.33 10.34
C HIS A 402 -6.62 3.22 9.70
N ALA A 403 -6.73 4.52 9.94
CA ALA A 403 -5.70 5.49 9.59
C ALA A 403 -5.16 5.82 11.00
N PHE A 404 -3.91 6.22 11.17
CA PHE A 404 -3.42 6.52 12.49
C PHE A 404 -2.68 7.86 12.49
N ALA A 405 -2.60 8.43 13.69
CA ALA A 405 -1.88 9.70 13.88
C ALA A 405 -0.40 9.38 14.00
N VAL A 406 0.45 10.04 13.24
CA VAL A 406 1.91 9.79 13.39
C VAL A 406 2.44 10.84 14.38
N VAL A 407 2.40 10.50 15.66
CA VAL A 407 2.83 11.36 16.76
C VAL A 407 4.32 11.62 16.65
N ARG A 408 5.10 10.57 16.38
CA ARG A 408 6.53 10.78 16.23
C ARG A 408 6.97 10.10 14.92
N SER A 409 7.53 10.84 13.99
CA SER A 409 7.96 10.32 12.73
C SER A 409 9.45 9.90 12.75
N ALA A 410 9.82 9.10 11.77
CA ALA A 410 11.19 8.66 11.60
C ALA A 410 12.08 9.89 11.29
N GLY A 411 13.27 9.96 11.87
CA GLY A 411 14.19 11.08 11.63
C GLY A 411 13.87 12.30 12.47
N SER A 412 12.95 12.18 13.42
CA SER A 412 12.56 13.28 14.26
C SER A 412 12.53 12.85 15.71
N THR A 413 12.93 13.71 16.65
CA THR A 413 12.91 13.30 18.06
C THR A 413 11.72 13.95 18.76
N THR A 414 10.90 14.70 18.04
CA THR A 414 9.77 15.38 18.63
C THR A 414 8.47 14.60 18.60
N TYR A 415 7.57 14.91 19.54
CA TYR A 415 6.27 14.28 19.63
C TYR A 415 5.25 15.38 19.32
N ASN A 416 4.32 15.14 18.42
CA ASN A 416 3.34 16.16 18.10
C ASN A 416 1.96 15.63 18.48
N TYR A 417 1.41 16.14 19.58
CA TYR A 417 0.11 15.69 20.05
C TYR A 417 -0.98 16.65 19.62
N ASN A 418 -0.60 17.65 18.84
CA ASN A 418 -1.53 18.65 18.34
C ASN A 418 -2.09 18.35 16.99
N ASP A 419 -1.28 18.57 15.92
CA ASP A 419 -1.73 18.39 14.57
C ASP A 419 -0.86 17.55 13.65
N PRO A 420 -0.46 16.36 14.06
CA PRO A 420 0.33 15.50 13.17
C PRO A 420 -0.52 14.94 12.03
N ILE A 421 0.14 14.51 10.95
CA ILE A 421 -0.57 13.91 9.83
C ILE A 421 -1.06 12.54 10.32
N PHE A 422 -2.14 12.10 9.68
CA PHE A 422 -2.70 10.79 9.88
C PHE A 422 -2.39 10.08 8.52
N ARG A 423 -2.17 8.78 8.58
CA ARG A 423 -1.89 8.07 7.32
C ARG A 423 -2.05 6.58 7.59
N ASP A 424 -1.69 5.72 6.60
CA ASP A 424 -1.91 4.29 6.88
C ASP A 424 -0.65 3.47 6.68
N VAL A 425 0.41 4.07 6.14
CA VAL A 425 1.68 3.32 5.98
C VAL A 425 2.77 4.26 6.52
N VAL A 426 3.57 3.81 7.46
CA VAL A 426 4.61 4.72 7.97
C VAL A 426 5.97 4.07 8.02
N SER A 427 6.98 4.84 7.62
CA SER A 427 8.35 4.32 7.74
C SER A 427 8.77 4.28 9.21
N THR A 428 9.37 3.17 9.65
CA THR A 428 9.81 3.09 11.05
C THR A 428 11.27 3.51 11.17
N GLY A 429 11.86 4.03 10.12
CA GLY A 429 13.21 4.61 10.22
C GLY A 429 14.34 3.64 10.41
N THR A 430 15.44 4.10 11.06
CA THR A 430 16.63 3.29 11.23
C THR A 430 17.23 3.44 12.64
N PRO A 431 17.92 2.39 13.06
CA PRO A 431 18.54 2.37 14.35
C PRO A 431 19.65 3.43 14.42
N ALA A 432 20.27 3.81 13.31
CA ALA A 432 21.34 4.84 13.35
C ALA A 432 20.81 6.19 13.78
N ALA A 433 19.51 6.42 13.50
CA ALA A 433 18.85 7.66 13.88
C ALA A 433 18.24 7.51 15.27
N GLY A 434 18.22 6.30 15.84
CA GLY A 434 17.59 6.17 17.18
C GLY A 434 16.07 6.35 17.06
N ASP A 435 15.49 5.97 15.92
CA ASP A 435 14.02 6.18 15.76
C ASP A 435 13.15 5.40 16.71
N ASN A 436 11.99 5.98 17.06
CA ASN A 436 11.00 5.32 17.90
C ASN A 436 9.64 5.80 17.38
N VAL A 437 9.28 5.33 16.18
CA VAL A 437 8.02 5.78 15.56
C VAL A 437 6.85 5.40 16.43
N THR A 438 6.00 6.40 16.70
CA THR A 438 4.86 6.31 17.60
C THR A 438 3.57 6.69 16.93
N ILE A 439 2.58 5.79 16.96
CA ILE A 439 1.32 6.08 16.27
C ILE A 439 0.17 5.88 17.25
N ARG A 440 -0.95 6.53 17.00
CA ARG A 440 -2.12 6.38 17.86
C ARG A 440 -3.38 6.24 17.00
N PHE A 441 -4.36 5.48 17.54
CA PHE A 441 -5.63 5.37 16.84
C PHE A 441 -6.65 4.96 17.92
N GLN A 442 -7.94 4.97 17.59
CA GLN A 442 -8.97 4.58 18.53
C GLN A 442 -9.65 3.29 18.03
N THR A 443 -10.06 2.39 18.91
CA THR A 443 -10.69 1.16 18.43
C THR A 443 -12.17 1.28 18.16
N ASP A 444 -12.54 1.79 17.01
CA ASP A 444 -13.94 1.99 16.60
C ASP A 444 -14.36 1.03 15.51
N ASN A 445 -13.60 -0.03 15.27
CA ASN A 445 -13.93 -0.88 14.10
C ASN A 445 -13.71 -2.34 14.42
N PRO A 446 -14.71 -3.02 14.98
CA PRO A 446 -14.58 -4.41 15.35
C PRO A 446 -14.16 -5.36 14.24
N GLY A 447 -13.18 -6.22 14.57
CA GLY A 447 -12.70 -7.24 13.66
C GLY A 447 -11.22 -7.50 13.80
N PRO A 448 -10.74 -8.59 13.21
CA PRO A 448 -9.33 -8.90 13.20
C PRO A 448 -8.67 -8.03 12.11
N TRP A 449 -7.63 -7.27 12.45
CA TRP A 449 -6.98 -6.43 11.46
C TRP A 449 -5.47 -6.69 11.51
N PHE A 450 -4.86 -6.82 10.32
CA PHE A 450 -3.44 -7.03 10.24
C PHE A 450 -2.65 -5.76 10.51
N LEU A 451 -1.49 -5.92 11.14
CA LEU A 451 -0.51 -4.84 11.33
C LEU A 451 0.78 -5.48 10.81
N HIS A 452 1.34 -4.98 9.71
CA HIS A 452 2.56 -5.66 9.23
C HIS A 452 3.48 -4.77 8.42
N CYS A 453 4.67 -5.30 8.19
CA CYS A 453 5.63 -4.58 7.33
C CYS A 453 5.14 -4.75 5.89
N HIS A 454 5.19 -3.64 5.13
CA HIS A 454 4.67 -3.65 3.77
C HIS A 454 5.75 -4.04 2.75
N ILE A 455 6.92 -4.46 3.24
CA ILE A 455 7.90 -5.07 2.30
C ILE A 455 7.37 -6.50 2.22
N ASP A 456 6.82 -6.94 1.10
CA ASP A 456 6.13 -8.23 1.03
C ASP A 456 6.98 -9.43 1.38
N PHE A 457 8.25 -9.40 1.03
CA PHE A 457 9.16 -10.49 1.38
C PHE A 457 9.32 -10.58 2.89
N HIS A 458 9.18 -9.46 3.62
CA HIS A 458 9.28 -9.54 5.09
C HIS A 458 7.98 -10.06 5.70
N LEU A 459 6.85 -9.62 5.17
CA LEU A 459 5.56 -10.12 5.68
C LEU A 459 5.54 -11.65 5.54
N GLU A 460 5.95 -12.12 4.38
CA GLU A 460 6.02 -13.55 4.11
C GLU A 460 6.92 -14.28 5.12
N ALA A 461 7.97 -13.64 5.62
CA ALA A 461 8.89 -14.19 6.59
C ALA A 461 8.39 -13.97 8.01
N GLY A 462 7.14 -13.58 8.22
CA GLY A 462 6.52 -13.47 9.51
C GLY A 462 6.43 -12.12 10.19
N PHE A 463 6.75 -11.02 9.51
CA PHE A 463 6.78 -9.71 10.19
C PHE A 463 5.39 -9.07 10.23
N ALA A 464 4.57 -9.59 11.13
CA ALA A 464 3.21 -9.12 11.28
C ALA A 464 2.58 -9.61 12.57
N ILE A 465 1.54 -8.89 12.98
CA ILE A 465 0.74 -9.32 14.11
C ILE A 465 -0.72 -9.05 13.70
N VAL A 466 -1.65 -9.63 14.42
CA VAL A 466 -3.05 -9.43 14.18
C VAL A 466 -3.69 -8.78 15.41
N PHE A 467 -4.46 -7.70 15.21
CA PHE A 467 -5.18 -7.11 16.33
C PHE A 467 -6.61 -7.65 16.29
N ALA A 468 -7.08 -8.28 17.35
CA ALA A 468 -8.49 -8.78 17.33
C ALA A 468 -9.26 -7.68 18.05
N GLU A 469 -9.71 -6.70 17.28
CA GLU A 469 -10.35 -5.52 17.87
C GLU A 469 -11.79 -5.75 18.28
N ASP A 470 -12.11 -5.44 19.54
CA ASP A 470 -13.49 -5.59 20.06
C ASP A 470 -14.08 -6.93 19.69
N VAL A 471 -13.46 -7.99 20.18
CA VAL A 471 -13.85 -9.37 19.88
C VAL A 471 -15.33 -9.64 20.13
N ALA A 472 -15.89 -9.08 21.19
CA ALA A 472 -17.29 -9.29 21.52
C ALA A 472 -18.26 -8.74 20.49
N ASP A 473 -17.92 -7.69 19.74
CA ASP A 473 -18.85 -7.16 18.76
C ASP A 473 -18.56 -7.61 17.32
N VAL A 474 -17.54 -8.43 17.13
CA VAL A 474 -17.17 -8.85 15.77
C VAL A 474 -18.31 -9.51 15.03
N LYS A 475 -18.89 -10.57 15.61
CA LYS A 475 -19.96 -11.26 14.90
C LYS A 475 -21.12 -10.36 14.55
N ALA A 476 -21.56 -9.48 15.43
CA ALA A 476 -22.73 -8.64 15.14
C ALA A 476 -22.41 -7.50 14.18
N ALA A 477 -21.19 -6.98 14.28
CA ALA A 477 -20.80 -5.87 13.41
C ALA A 477 -20.53 -6.31 11.98
N ASN A 478 -20.15 -7.58 11.78
CA ASN A 478 -19.77 -8.04 10.46
C ASN A 478 -20.51 -9.26 9.93
N PRO A 479 -21.78 -9.11 9.58
CA PRO A 479 -22.52 -10.24 9.02
C PRO A 479 -21.81 -10.71 7.77
N VAL A 480 -21.63 -12.01 7.58
CA VAL A 480 -20.91 -12.52 6.45
C VAL A 480 -21.83 -13.14 5.41
N PRO A 481 -21.52 -12.96 4.15
CA PRO A 481 -22.36 -13.54 3.09
C PRO A 481 -22.07 -15.00 2.98
N LYS A 482 -23.04 -15.77 2.47
N LYS A 482 -23.04 -15.76 2.47
CA LYS A 482 -22.87 -17.21 2.28
CA LYS A 482 -22.85 -17.20 2.30
C LYS A 482 -21.65 -17.53 1.42
C LYS A 482 -21.68 -17.55 1.40
N ALA A 483 -21.39 -16.73 0.40
CA ALA A 483 -20.24 -16.97 -0.49
C ALA A 483 -18.95 -16.94 0.31
N TRP A 484 -18.85 -16.10 1.32
CA TRP A 484 -17.59 -16.08 2.13
C TRP A 484 -17.49 -17.35 2.95
N SER A 485 -18.62 -17.84 3.49
CA SER A 485 -18.61 -19.06 4.32
C SER A 485 -18.23 -20.27 3.48
N ASP A 486 -18.46 -20.25 2.18
CA ASP A 486 -18.08 -21.35 1.33
C ASP A 486 -16.61 -21.35 0.95
N LEU A 487 -15.89 -20.21 1.11
CA LEU A 487 -14.49 -20.23 0.67
C LEU A 487 -13.61 -21.25 1.34
N CYS A 488 -13.65 -21.45 2.66
CA CYS A 488 -12.74 -22.40 3.28
C CYS A 488 -12.95 -23.84 2.85
N PRO A 489 -14.17 -24.34 2.84
CA PRO A 489 -14.46 -25.72 2.42
C PRO A 489 -13.95 -25.95 1.02
N ILE A 490 -14.18 -24.96 0.13
CA ILE A 490 -13.65 -25.13 -1.24
C ILE A 490 -12.13 -25.19 -1.22
N TYR A 491 -11.46 -24.20 -0.59
CA TYR A 491 -10.00 -24.18 -0.56
C TYR A 491 -9.38 -25.39 0.11
N ASP A 492 -9.97 -25.81 1.22
CA ASP A 492 -9.43 -26.96 1.95
C ASP A 492 -9.53 -28.25 1.16
N GLY A 493 -10.39 -28.34 0.17
CA GLY A 493 -10.46 -29.55 -0.65
C GLY A 493 -9.40 -29.58 -1.74
N LEU A 494 -8.61 -28.51 -1.93
CA LEU A 494 -7.60 -28.48 -2.96
C LEU A 494 -6.35 -29.27 -2.66
N SER A 495 -5.81 -29.93 -3.70
CA SER A 495 -4.54 -30.63 -3.46
C SER A 495 -3.48 -29.51 -3.53
N GLU A 496 -2.32 -29.75 -2.97
CA GLU A 496 -1.25 -28.78 -2.99
C GLU A 496 -0.93 -28.25 -4.38
N ALA A 497 -1.01 -29.07 -5.44
CA ALA A 497 -0.67 -28.59 -6.77
C ALA A 497 -1.67 -27.59 -7.34
N ASN A 498 -2.87 -27.52 -6.80
CA ASN A 498 -3.88 -26.62 -7.30
C ASN A 498 -4.00 -25.38 -6.41
N GLN A 499 -3.10 -25.26 -5.43
CA GLN A 499 -3.21 -24.08 -4.55
C GLN A 499 -2.62 -22.82 -5.22
#